data_7NG1
#
_entry.id   7NG1
#
_cell.length_a   103.279
_cell.length_b   103.279
_cell.length_c   132.799
_cell.angle_alpha   90.000
_cell.angle_beta   90.000
_cell.angle_gamma   120.000
#
_symmetry.space_group_name_H-M   'P 32 2 1'
#
loop_
_entity.id
_entity.type
_entity.pdbx_description
1 polymer 'Carbonic anhydrase'
2 non-polymer "~{N}'-(4-iodophenyl)-~{N}-[2-(4-sulfamoylphenyl)ethyl]carbamimidoselenoic acid"
3 non-polymer 'ZINC ION'
4 non-polymer 2-acetamido-2-deoxy-beta-D-glucopyranose
5 non-polymer GLYCEROL
6 water water
#
_entity_poly.entity_id   1
_entity_poly.type   'polypeptide(L)'
_entity_poly.pdbx_seq_one_letter_code
;METDTLLLWVLLLWVPGSTGDAAQPARRANGSEWSYTNILTGPETWHEHYKNMCSGYYQSPIDLKTDISTLDLKLKTVII
YRNTSSTETTTIQNNGHSAEVKFPRNTWFISFDGILDYKYEIIQMHFHWGNTDDRGSEHTIDGFRFPLEGHIVSFRRQMY
SSPSEAIGRPGGLAVLGIMHQIVESIKYEQTAFKAYNNFSGVLNSQFVPPNNSTIDDINLALLLSLLNPSRYFRYLGSLT
TPPCTENVLWTVFIDPVLITREQINLFRNLPYGSNEKQTRMGDNFRPIQLLNPIDTLASRTLYRATARGGPEQKLISEED
LNSAVDHHHHHH
;
_entity_poly.pdbx_strand_id   A,B
#
loop_
_chem_comp.id
_chem_comp.type
_chem_comp.name
_chem_comp.formula
GOL non-polymer GLYCEROL 'C3 H8 O3'
NAG D-saccharide, beta linking 2-acetamido-2-deoxy-beta-D-glucopyranose 'C8 H15 N O6'
TN8 non-polymer '~{N}'-(4-iodophenyl)-~{N}-[2-(4-sulfamoylphenyl)ethyl]carbamimidoselenoic acid' 'C15 H16 I N3 O2 S Se'
ZN non-polymer 'ZINC ION' 'Zn 2'
#
# COMPACT_ATOMS: atom_id res chain seq x y z
N GLU A 33 0.40 37.49 12.43
CA GLU A 33 0.01 36.10 12.75
C GLU A 33 1.22 35.19 12.51
N TRP A 34 1.02 34.18 11.65
CA TRP A 34 2.07 33.21 11.37
C TRP A 34 2.04 32.87 9.87
N SER A 35 3.17 32.33 9.38
CA SER A 35 3.24 31.90 8.01
C SER A 35 4.24 30.77 7.91
N TYR A 36 4.37 30.22 6.68
CA TYR A 36 5.44 29.30 6.37
C TYR A 36 6.63 30.00 5.72
N THR A 37 6.36 30.99 4.86
CA THR A 37 7.43 31.47 3.97
C THR A 37 7.92 32.88 4.28
N ASN A 38 7.24 33.62 5.17
CA ASN A 38 7.71 34.95 5.56
C ASN A 38 8.62 34.80 6.76
N ILE A 39 9.92 35.16 6.59
CA ILE A 39 10.93 34.87 7.59
C ILE A 39 10.58 35.53 8.94
N LEU A 40 9.82 36.62 8.88
CA LEU A 40 9.44 37.40 10.07
C LEU A 40 8.42 36.64 10.93
N THR A 41 7.61 35.75 10.32
CA THR A 41 6.49 35.12 11.03
C THR A 41 6.51 33.60 10.84
N GLY A 42 7.58 33.11 10.23
CA GLY A 42 7.70 31.72 9.81
C GLY A 42 8.06 30.79 10.96
N PRO A 43 8.21 29.48 10.65
CA PRO A 43 8.34 28.46 11.70
C PRO A 43 9.45 28.64 12.72
N GLU A 44 10.58 29.29 12.34
CA GLU A 44 11.66 29.50 13.30
C GLU A 44 11.26 30.51 14.39
N THR A 45 10.18 31.26 14.17
CA THR A 45 9.79 32.28 15.12
C THR A 45 8.68 31.78 16.05
N TRP A 46 8.09 30.61 15.76
CA TRP A 46 6.88 30.20 16.46
C TRP A 46 7.14 30.00 17.95
N HIS A 47 8.34 29.52 18.30
CA HIS A 47 8.66 29.23 19.69
C HIS A 47 8.57 30.51 20.52
N GLU A 48 8.68 31.66 19.86
CA GLU A 48 8.72 32.95 20.52
C GLU A 48 7.36 33.62 20.45
N HIS A 49 6.73 33.62 19.26
CA HIS A 49 5.43 34.27 19.12
C HIS A 49 4.30 33.47 19.79
N TYR A 50 4.48 32.15 19.95
CA TYR A 50 3.47 31.27 20.50
C TYR A 50 4.12 30.33 21.51
N LYS A 51 4.72 30.92 22.55
CA LYS A 51 5.46 30.16 23.55
C LYS A 51 4.57 28.99 24.03
N ASN A 52 3.29 29.31 24.25
CA ASN A 52 2.32 28.29 24.59
CA ASN A 52 2.27 28.36 24.60
C ASN A 52 1.60 27.86 23.30
N MET A 53 1.99 26.69 22.76
CA MET A 53 2.91 25.70 23.28
C MET A 53 4.03 25.39 22.26
N CYS A 54 4.27 26.30 21.29
CA CYS A 54 5.28 26.01 20.28
C CYS A 54 6.68 25.95 20.87
N SER A 55 6.88 26.32 22.15
CA SER A 55 8.16 26.17 22.83
C SER A 55 8.27 24.88 23.65
N GLY A 56 7.30 23.97 23.52
CA GLY A 56 7.29 22.78 24.35
C GLY A 56 8.23 21.68 23.87
N TYR A 57 8.31 20.58 24.63
CA TYR A 57 9.23 19.53 24.26
C TYR A 57 8.48 18.29 23.77
N TYR A 58 7.17 18.40 23.44
CA TYR A 58 6.45 17.27 22.83
C TYR A 58 5.90 17.73 21.49
N GLN A 59 6.77 18.30 20.65
CA GLN A 59 6.32 18.91 19.41
C GLN A 59 6.30 17.89 18.24
N SER A 60 5.59 18.27 17.17
CA SER A 60 5.50 17.50 15.94
C SER A 60 5.74 18.46 14.79
N PRO A 61 6.18 18.01 13.59
CA PRO A 61 6.44 16.59 13.29
C PRO A 61 7.82 16.13 13.78
N ILE A 62 8.10 14.82 13.69
CA ILE A 62 9.39 14.28 14.06
C ILE A 62 9.86 13.38 12.93
N ASP A 63 11.13 13.00 12.97
CA ASP A 63 11.61 11.94 12.11
C ASP A 63 11.21 10.62 12.71
N LEU A 64 10.50 9.79 11.93
CA LEU A 64 9.99 8.52 12.40
C LEU A 64 11.05 7.47 12.06
N LYS A 65 11.79 7.07 13.09
CA LYS A 65 13.00 6.26 12.90
C LYS A 65 12.65 4.83 13.22
N THR A 66 12.73 3.97 12.20
CA THR A 66 12.27 2.60 12.35
C THR A 66 13.12 1.86 13.39
N ASP A 67 14.43 2.08 13.34
CA ASP A 67 15.36 1.38 14.22
C ASP A 67 15.24 1.90 15.67
N ILE A 68 14.97 3.19 15.87
CA ILE A 68 14.85 3.76 17.21
C ILE A 68 13.37 3.91 17.57
N SER A 69 12.58 2.87 17.36
CA SER A 69 11.19 2.90 17.78
C SER A 69 10.88 1.56 18.43
N THR A 70 9.85 1.53 19.29
CA THR A 70 9.53 0.31 20.00
C THR A 70 8.31 -0.34 19.36
N LEU A 71 8.47 -1.60 18.93
CA LEU A 71 7.33 -2.32 18.39
C LEU A 71 6.35 -2.64 19.51
N ASP A 72 5.08 -2.27 19.35
CA ASP A 72 4.09 -2.56 20.37
C ASP A 72 2.95 -3.35 19.73
N LEU A 73 2.94 -4.67 19.97
CA LEU A 73 2.02 -5.58 19.28
C LEU A 73 0.59 -5.38 19.74
N LYS A 74 0.40 -4.60 20.82
CA LYS A 74 -0.93 -4.34 21.28
C LYS A 74 -1.65 -3.28 20.43
N LEU A 75 -0.92 -2.56 19.56
CA LEU A 75 -1.57 -1.50 18.79
C LEU A 75 -2.27 -2.07 17.55
N LYS A 76 -3.59 -1.89 17.47
CA LYS A 76 -4.43 -2.66 16.55
C LYS A 76 -4.59 -1.94 15.21
N THR A 77 -5.20 -2.66 14.25
CA THR A 77 -5.49 -2.07 12.95
C THR A 77 -6.41 -0.86 13.11
N VAL A 78 -6.13 0.22 12.36
CA VAL A 78 -7.02 1.36 12.40
C VAL A 78 -8.20 1.14 11.44
N ILE A 79 -9.39 1.55 11.89
CA ILE A 79 -10.62 1.47 11.09
C ILE A 79 -11.20 2.87 10.94
N ILE A 80 -11.56 3.22 9.69
CA ILE A 80 -12.30 4.46 9.50
C ILE A 80 -13.71 4.09 9.04
N TYR A 81 -14.72 4.73 9.59
CA TYR A 81 -16.08 4.23 9.32
C TYR A 81 -17.06 5.38 9.33
N ARG A 82 -18.18 5.19 8.61
CA ARG A 82 -19.12 6.27 8.37
C ARG A 82 -20.46 5.95 9.01
N ASN A 83 -21.12 7.01 9.48
CA ASN A 83 -22.51 6.94 9.88
C ASN A 83 -23.33 7.05 8.60
N THR A 84 -23.93 5.94 8.16
CA THR A 84 -24.65 5.95 6.89
C THR A 84 -25.94 6.78 6.93
N SER A 85 -26.41 7.22 8.10
CA SER A 85 -27.64 8.00 8.09
CA SER A 85 -27.63 8.01 8.23
C SER A 85 -27.35 9.50 8.04
N SER A 86 -26.07 9.87 7.97
CA SER A 86 -25.74 11.28 7.86
C SER A 86 -25.91 11.73 6.41
N THR A 87 -26.43 12.94 6.17
CA THR A 87 -26.62 13.38 4.79
C THR A 87 -26.07 14.78 4.53
N GLU A 88 -25.47 15.40 5.56
CA GLU A 88 -25.01 16.78 5.41
C GLU A 88 -23.82 16.84 4.44
N THR A 89 -23.59 18.04 3.90
CA THR A 89 -22.63 18.25 2.83
C THR A 89 -21.20 18.36 3.41
N THR A 90 -20.20 17.97 2.63
CA THR A 90 -18.80 18.25 2.89
C THR A 90 -18.39 19.51 2.12
N THR A 91 -17.51 20.33 2.72
CA THR A 91 -17.00 21.50 2.02
C THR A 91 -15.47 21.50 2.06
N ILE A 92 -14.87 22.40 1.27
CA ILE A 92 -13.42 22.56 1.27
C ILE A 92 -13.16 24.06 1.24
N GLN A 93 -12.04 24.46 1.85
CA GLN A 93 -11.70 25.87 1.91
C GLN A 93 -10.20 26.01 1.67
N ASN A 94 -9.82 27.08 0.93
CA ASN A 94 -8.45 27.52 0.95
C ASN A 94 -8.34 28.53 2.09
N ASN A 95 -7.73 28.10 3.20
CA ASN A 95 -7.66 28.98 4.36
C ASN A 95 -6.40 29.84 4.30
N GLY A 96 -5.65 29.81 3.19
CA GLY A 96 -4.45 30.62 3.12
C GLY A 96 -3.16 29.88 3.47
N HIS A 97 -3.29 28.70 4.11
CA HIS A 97 -2.13 27.90 4.47
C HIS A 97 -2.22 26.48 3.92
N SER A 98 -3.44 25.98 3.69
CA SER A 98 -3.64 24.64 3.17
C SER A 98 -4.99 24.62 2.47
N ALA A 99 -5.29 23.46 1.85
CA ALA A 99 -6.64 23.13 1.47
C ALA A 99 -7.23 22.23 2.55
N GLU A 100 -8.34 22.66 3.14
CA GLU A 100 -8.91 21.96 4.29
C GLU A 100 -10.34 21.54 3.96
N VAL A 101 -10.54 20.21 3.94
CA VAL A 101 -11.86 19.58 3.83
C VAL A 101 -12.50 19.61 5.22
N LYS A 102 -13.70 20.20 5.32
CA LYS A 102 -14.46 20.19 6.57
C LYS A 102 -15.60 19.21 6.45
N PHE A 103 -15.60 18.22 7.35
CA PHE A 103 -16.61 17.18 7.34
C PHE A 103 -17.76 17.63 8.24
N PRO A 104 -19.01 17.22 7.94
CA PRO A 104 -20.12 17.48 8.84
C PRO A 104 -19.91 16.68 10.14
N ARG A 105 -20.44 17.20 11.24
CA ARG A 105 -20.43 16.49 12.52
C ARG A 105 -21.11 15.13 12.38
N ASN A 106 -20.72 14.19 13.25
CA ASN A 106 -21.38 12.91 13.46
C ASN A 106 -21.39 12.05 12.21
N THR A 107 -20.33 12.13 11.39
CA THR A 107 -20.39 11.49 10.10
C THR A 107 -19.28 10.47 9.92
N TRP A 108 -18.03 10.89 10.14
CA TRP A 108 -16.90 9.97 9.96
C TRP A 108 -16.18 9.77 11.31
N PHE A 109 -15.67 8.56 11.51
CA PHE A 109 -15.14 8.12 12.82
C PHE A 109 -13.90 7.26 12.61
N ILE A 110 -13.07 7.19 13.68
CA ILE A 110 -11.93 6.32 13.73
C ILE A 110 -12.15 5.39 14.93
N SER A 111 -11.84 4.14 14.71
CA SER A 111 -11.72 3.18 15.80
C SER A 111 -10.29 2.68 15.85
N PHE A 112 -9.72 2.67 17.07
CA PHE A 112 -8.42 2.05 17.26
C PHE A 112 -8.55 0.72 17.99
N ASP A 113 -9.78 0.30 18.32
CA ASP A 113 -9.90 -0.88 19.17
C ASP A 113 -10.82 -1.93 18.58
N GLY A 114 -11.23 -1.73 17.31
CA GLY A 114 -12.08 -2.69 16.64
C GLY A 114 -13.57 -2.49 16.94
N ILE A 115 -13.92 -1.67 17.93
CA ILE A 115 -15.32 -1.41 18.24
C ILE A 115 -15.79 -0.15 17.53
N LEU A 116 -17.03 -0.19 16.99
CA LEU A 116 -17.52 0.95 16.22
C LEU A 116 -18.48 1.78 17.06
N ASP A 117 -17.93 2.35 18.16
CA ASP A 117 -18.75 3.04 19.14
C ASP A 117 -18.42 4.52 19.25
N TYR A 118 -17.83 5.13 18.20
CA TYR A 118 -17.77 6.59 18.05
C TYR A 118 -16.81 7.22 19.09
N LYS A 119 -15.70 6.55 19.39
CA LYS A 119 -14.77 7.12 20.37
C LYS A 119 -14.01 8.34 19.78
N TYR A 120 -13.72 8.30 18.47
CA TYR A 120 -13.01 9.40 17.83
C TYR A 120 -13.84 9.84 16.64
N GLU A 121 -14.12 11.15 16.56
CA GLU A 121 -14.95 11.67 15.48
C GLU A 121 -14.10 12.59 14.60
N ILE A 122 -14.10 12.33 13.29
CA ILE A 122 -13.29 13.11 12.34
C ILE A 122 -13.93 14.48 12.12
N ILE A 123 -13.10 15.53 12.05
CA ILE A 123 -13.52 16.93 11.95
C ILE A 123 -13.18 17.42 10.54
N GLN A 124 -11.94 17.17 10.10
CA GLN A 124 -11.45 17.78 8.87
C GLN A 124 -10.24 17.01 8.37
N MET A 125 -9.86 17.30 7.13
CA MET A 125 -8.65 16.74 6.55
C MET A 125 -7.95 17.86 5.78
N HIS A 126 -6.66 18.03 5.99
CA HIS A 126 -5.94 19.04 5.21
C HIS A 126 -4.60 18.48 4.76
N PHE A 127 -3.80 19.29 4.06
CA PHE A 127 -2.65 18.73 3.36
C PHE A 127 -1.41 19.62 3.47
N HIS A 128 -0.25 18.97 3.40
CA HIS A 128 1.05 19.64 3.42
C HIS A 128 1.85 19.12 2.22
N TRP A 129 2.43 20.04 1.41
CA TRP A 129 3.13 19.60 0.21
C TRP A 129 4.29 20.54 -0.12
N GLY A 130 5.04 20.18 -1.17
CA GLY A 130 6.30 20.85 -1.46
C GLY A 130 6.21 21.64 -2.78
N ASN A 131 7.17 22.55 -2.98
CA ASN A 131 7.30 23.23 -4.27
C ASN A 131 7.81 22.25 -5.35
N THR A 132 8.57 21.25 -4.91
CA THR A 132 9.14 20.22 -5.76
C THR A 132 8.78 18.83 -5.23
N ASP A 133 8.91 17.80 -6.08
CA ASP A 133 8.38 16.49 -5.75
C ASP A 133 9.17 15.82 -4.63
N ASP A 134 10.38 16.29 -4.33
CA ASP A 134 11.17 15.56 -3.34
C ASP A 134 11.02 16.14 -1.92
N ARG A 135 10.04 17.01 -1.70
CA ARG A 135 9.75 17.42 -0.33
C ARG A 135 8.25 17.72 -0.22
N GLY A 136 7.77 17.94 1.01
CA GLY A 136 6.40 18.37 1.20
C GLY A 136 5.82 17.84 2.51
N SER A 137 6.18 16.58 2.86
CA SER A 137 5.63 15.98 4.08
C SER A 137 6.19 16.70 5.31
N GLU A 138 5.46 16.59 6.42
CA GLU A 138 5.92 17.16 7.67
C GLU A 138 6.74 16.11 8.40
N HIS A 139 6.14 14.93 8.65
CA HIS A 139 6.96 13.82 9.11
C HIS A 139 7.90 13.33 7.99
N THR A 140 9.01 12.75 8.42
CA THR A 140 9.91 11.96 7.60
C THR A 140 9.91 10.54 8.13
N ILE A 141 10.24 9.57 7.27
CA ILE A 141 10.42 8.20 7.69
C ILE A 141 11.88 7.87 7.36
N ASP A 142 12.67 7.65 8.42
CA ASP A 142 14.09 7.40 8.31
C ASP A 142 14.75 8.50 7.48
N GLY A 143 14.34 9.74 7.72
CA GLY A 143 14.94 10.86 7.04
C GLY A 143 14.32 11.22 5.68
N PHE A 144 13.40 10.39 5.17
CA PHE A 144 12.86 10.53 3.81
C PHE A 144 11.59 11.39 3.82
N ARG A 145 11.56 12.40 2.94
CA ARG A 145 10.38 13.25 2.76
C ARG A 145 9.53 12.76 1.58
N PHE A 146 8.20 12.78 1.80
CA PHE A 146 7.24 12.47 0.75
C PHE A 146 6.74 13.77 0.10
N PRO A 147 6.17 13.72 -1.12
CA PRO A 147 5.64 14.95 -1.73
C PRO A 147 4.40 15.57 -1.08
N LEU A 148 3.61 14.75 -0.36
CA LEU A 148 2.33 15.21 0.13
C LEU A 148 1.96 14.38 1.37
N GLU A 149 1.58 15.07 2.46
CA GLU A 149 1.16 14.37 3.68
C GLU A 149 -0.22 14.90 4.02
N GLY A 150 -1.19 13.97 4.12
CA GLY A 150 -2.53 14.40 4.48
C GLY A 150 -2.75 14.13 5.98
N HIS A 151 -3.54 14.99 6.62
CA HIS A 151 -3.80 14.93 8.05
C HIS A 151 -5.30 14.80 8.26
N ILE A 152 -5.72 13.63 8.76
CA ILE A 152 -7.13 13.45 9.12
C ILE A 152 -7.26 13.77 10.60
N VAL A 153 -8.01 14.81 10.93
CA VAL A 153 -8.01 15.34 12.29
C VAL A 153 -9.30 14.91 13.00
N SER A 154 -9.18 14.29 14.19
CA SER A 154 -10.35 13.81 14.92
C SER A 154 -10.29 14.27 16.38
N PHE A 155 -11.44 14.30 17.07
CA PHE A 155 -11.43 14.55 18.52
C PHE A 155 -11.90 13.32 19.27
N ARG A 156 -11.45 13.22 20.54
CA ARG A 156 -11.77 12.08 21.40
C ARG A 156 -13.17 12.31 21.98
N ARG A 157 -14.19 11.96 21.17
CA ARG A 157 -15.59 12.13 21.52
C ARG A 157 -15.92 11.26 22.72
N GLN A 158 -15.14 10.18 22.90
CA GLN A 158 -15.24 9.37 24.11
C GLN A 158 -15.24 10.23 25.38
N MET A 159 -14.49 11.33 25.37
CA MET A 159 -14.32 12.14 26.57
C MET A 159 -14.92 13.54 26.38
N TYR A 160 -14.85 14.11 25.17
CA TYR A 160 -15.21 15.50 24.96
C TYR A 160 -16.41 15.57 24.00
N SER A 161 -17.35 16.47 24.28
CA SER A 161 -18.61 16.47 23.55
C SER A 161 -18.54 17.20 22.21
N SER A 162 -17.55 18.08 21.99
CA SER A 162 -17.51 18.78 20.72
C SER A 162 -16.07 19.04 20.29
N PRO A 163 -15.81 19.29 18.99
CA PRO A 163 -14.48 19.70 18.55
C PRO A 163 -13.97 20.91 19.34
N SER A 164 -14.82 21.92 19.60
CA SER A 164 -14.28 23.11 20.25
C SER A 164 -13.96 22.86 21.73
N GLU A 165 -14.62 21.90 22.37
CA GLU A 165 -14.23 21.51 23.72
C GLU A 165 -12.87 20.78 23.68
N ALA A 166 -12.67 19.93 22.68
CA ALA A 166 -11.53 19.04 22.68
C ALA A 166 -10.25 19.77 22.23
N ILE A 167 -10.40 20.72 21.31
CA ILE A 167 -9.24 21.19 20.55
C ILE A 167 -8.18 21.83 21.44
N GLY A 168 -8.57 22.42 22.59
CA GLY A 168 -7.56 23.02 23.45
C GLY A 168 -7.34 22.30 24.78
N ARG A 169 -7.85 21.06 24.89
CA ARG A 169 -7.85 20.40 26.19
C ARG A 169 -6.94 19.17 26.15
N PRO A 170 -6.46 18.69 27.32
CA PRO A 170 -5.55 17.54 27.32
C PRO A 170 -6.12 16.29 26.67
N GLY A 171 -5.30 15.65 25.85
CA GLY A 171 -5.72 14.41 25.21
C GLY A 171 -6.91 14.57 24.26
N GLY A 172 -7.17 15.81 23.82
CA GLY A 172 -8.38 16.03 23.02
C GLY A 172 -8.35 15.47 21.60
N LEU A 173 -7.17 15.29 20.98
CA LEU A 173 -7.16 15.10 19.53
C LEU A 173 -6.38 13.85 19.14
N ALA A 174 -6.75 13.31 17.98
CA ALA A 174 -5.97 12.26 17.35
C ALA A 174 -5.93 12.58 15.86
N VAL A 175 -4.71 12.58 15.28
CA VAL A 175 -4.51 12.87 13.86
C VAL A 175 -3.92 11.65 13.16
N LEU A 176 -4.43 11.35 11.95
CA LEU A 176 -3.85 10.30 11.13
C LEU A 176 -3.03 10.99 10.03
N GLY A 177 -1.76 10.56 9.87
CA GLY A 177 -0.95 11.06 8.76
C GLY A 177 -0.90 10.03 7.63
N ILE A 178 -1.22 10.48 6.41
CA ILE A 178 -1.20 9.64 5.21
C ILE A 178 -0.20 10.24 4.25
N MET A 179 0.85 9.47 3.97
CA MET A 179 1.89 9.81 3.01
C MET A 179 1.37 9.44 1.62
N HIS A 180 1.74 10.27 0.64
CA HIS A 180 1.42 10.01 -0.77
C HIS A 180 2.74 10.00 -1.54
N GLN A 181 2.86 9.09 -2.51
CA GLN A 181 4.03 9.07 -3.38
C GLN A 181 3.57 9.10 -4.84
N ILE A 182 4.40 9.71 -5.72
CA ILE A 182 4.07 9.90 -7.13
C ILE A 182 4.53 8.68 -7.92
N VAL A 183 3.62 8.18 -8.77
CA VAL A 183 3.92 7.12 -9.72
C VAL A 183 3.61 7.67 -11.12
N GLU A 184 4.33 7.17 -12.14
CA GLU A 184 4.10 7.63 -13.52
C GLU A 184 2.99 6.82 -14.18
N SER A 185 2.88 5.53 -13.84
CA SER A 185 1.94 4.62 -14.50
C SER A 185 0.87 4.11 -13.52
N ILE A 186 -0.36 4.63 -13.67
CA ILE A 186 -1.44 4.27 -12.76
C ILE A 186 -2.77 4.73 -13.34
N LYS A 187 -3.84 3.93 -13.16
CA LYS A 187 -5.18 4.35 -13.48
C LYS A 187 -5.70 5.26 -12.37
N TYR A 188 -6.46 6.29 -12.78
CA TYR A 188 -7.14 7.20 -11.86
C TYR A 188 -7.75 6.43 -10.69
N GLU A 189 -8.40 5.29 -10.98
CA GLU A 189 -9.22 4.63 -9.97
C GLU A 189 -8.37 4.05 -8.84
N GLN A 190 -7.09 3.83 -9.10
CA GLN A 190 -6.19 3.32 -8.07
C GLN A 190 -5.39 4.42 -7.34
N THR A 191 -5.60 5.70 -7.70
CA THR A 191 -4.95 6.82 -7.00
C THR A 191 -5.80 7.25 -5.81
N ALA A 192 -5.17 7.95 -4.85
CA ALA A 192 -5.88 8.57 -3.74
C ALA A 192 -6.98 9.50 -4.26
N PHE A 193 -6.83 10.06 -5.48
CA PHE A 193 -7.81 11.03 -5.94
C PHE A 193 -9.17 10.42 -6.24
N LYS A 194 -9.22 9.11 -6.44
CA LYS A 194 -10.52 8.44 -6.50
C LYS A 194 -11.27 8.55 -5.16
N ALA A 195 -10.57 8.28 -4.05
CA ALA A 195 -11.17 8.47 -2.74
C ALA A 195 -11.55 9.92 -2.53
N TYR A 196 -10.73 10.86 -3.04
CA TYR A 196 -11.00 12.28 -2.84
C TYR A 196 -12.05 12.80 -3.81
N ASN A 197 -12.42 11.96 -4.79
CA ASN A 197 -13.30 12.38 -5.89
C ASN A 197 -12.79 13.65 -6.54
N ASN A 198 -11.46 13.72 -6.72
CA ASN A 198 -10.74 14.87 -7.28
C ASN A 198 -11.04 16.18 -6.57
N PHE A 199 -11.55 16.16 -5.33
CA PHE A 199 -11.95 17.37 -4.62
C PHE A 199 -12.92 18.18 -5.49
N SER A 200 -13.72 17.49 -6.31
CA SER A 200 -14.73 18.07 -7.21
C SER A 200 -14.15 19.20 -8.08
N GLY A 201 -12.86 19.11 -8.37
CA GLY A 201 -12.23 20.03 -9.32
C GLY A 201 -11.79 21.36 -8.72
N VAL A 202 -11.79 21.48 -7.40
CA VAL A 202 -11.66 22.79 -6.77
C VAL A 202 -10.19 23.22 -6.70
N LEU A 203 -9.24 22.29 -6.89
CA LEU A 203 -7.84 22.68 -6.77
C LEU A 203 -7.40 23.33 -8.08
N ASN A 204 -7.45 24.67 -8.14
CA ASN A 204 -7.03 25.39 -9.33
C ASN A 204 -6.61 26.80 -8.90
N SER A 205 -6.11 27.60 -9.86
CA SER A 205 -5.52 28.88 -9.54
C SER A 205 -6.57 29.88 -9.04
N GLN A 206 -7.85 29.61 -9.33
CA GLN A 206 -8.91 30.56 -8.97
C GLN A 206 -9.50 30.26 -7.59
N PHE A 207 -8.97 29.23 -6.91
CA PHE A 207 -9.48 28.87 -5.60
C PHE A 207 -8.77 29.73 -4.56
N VAL A 208 -9.20 30.99 -4.45
CA VAL A 208 -8.47 31.99 -3.68
C VAL A 208 -8.97 31.93 -2.23
N PRO A 209 -8.11 32.25 -1.26
CA PRO A 209 -8.52 32.30 0.14
C PRO A 209 -9.49 33.48 0.30
N PRO A 210 -10.53 33.43 1.16
CA PRO A 210 -10.85 32.27 2.01
C PRO A 210 -12.08 31.55 1.47
N ASN A 211 -12.12 31.38 0.13
CA ASN A 211 -13.24 30.74 -0.52
C ASN A 211 -13.43 29.31 -0.01
N ASN A 212 -14.69 28.91 0.07
CA ASN A 212 -15.05 27.53 0.34
C ASN A 212 -16.11 27.09 -0.65
N SER A 213 -16.11 25.79 -1.00
CA SER A 213 -17.08 25.19 -1.90
C SER A 213 -17.57 23.88 -1.31
N THR A 214 -18.83 23.55 -1.63
CA THR A 214 -19.35 22.23 -1.41
C THR A 214 -18.64 21.27 -2.37
N ILE A 215 -18.28 20.06 -1.89
CA ILE A 215 -17.63 19.07 -2.74
C ILE A 215 -18.32 17.75 -2.47
N ASP A 216 -18.12 16.78 -3.36
CA ASP A 216 -18.62 15.44 -3.10
C ASP A 216 -17.93 14.92 -1.83
N ASP A 217 -18.56 13.97 -1.12
CA ASP A 217 -17.92 13.50 0.11
C ASP A 217 -16.64 12.74 -0.23
N ILE A 218 -15.68 12.72 0.71
CA ILE A 218 -14.43 11.99 0.55
C ILE A 218 -14.67 10.61 1.11
N ASN A 219 -14.33 9.56 0.35
CA ASN A 219 -14.50 8.21 0.85
C ASN A 219 -13.26 7.85 1.66
N LEU A 220 -13.25 8.25 2.92
CA LEU A 220 -12.08 8.01 3.76
C LEU A 220 -11.81 6.53 3.99
N ALA A 221 -12.84 5.66 3.96
CA ALA A 221 -12.59 4.22 4.08
C ALA A 221 -11.81 3.67 2.89
N LEU A 222 -12.19 4.10 1.68
CA LEU A 222 -11.43 3.70 0.50
C LEU A 222 -9.99 4.20 0.60
N LEU A 223 -9.81 5.46 1.01
CA LEU A 223 -8.46 6.01 1.14
C LEU A 223 -7.59 5.11 2.03
N LEU A 224 -8.14 4.76 3.20
CA LEU A 224 -7.39 3.95 4.13
C LEU A 224 -7.06 2.59 3.52
N SER A 225 -7.98 2.03 2.71
CA SER A 225 -7.73 0.71 2.12
C SER A 225 -6.60 0.75 1.08
N LEU A 226 -6.14 1.96 0.65
CA LEU A 226 -5.07 2.04 -0.33
C LEU A 226 -3.70 1.82 0.32
N LEU A 227 -3.66 1.73 1.66
CA LEU A 227 -2.40 1.42 2.33
C LEU A 227 -2.65 0.30 3.33
N ASN A 228 -1.61 -0.11 4.07
CA ASN A 228 -1.78 -1.09 5.15
C ASN A 228 -2.19 -0.40 6.46
N PRO A 229 -3.44 -0.53 6.93
CA PRO A 229 -3.89 0.21 8.12
C PRO A 229 -3.40 -0.39 9.44
N SER A 230 -2.56 -1.44 9.38
CA SER A 230 -1.97 -2.05 10.57
C SER A 230 -0.52 -1.57 10.77
N ARG A 231 0.05 -0.83 9.79
CA ARG A 231 1.48 -0.61 9.79
C ARG A 231 1.76 0.89 9.95
N TYR A 232 2.09 1.31 11.18
CA TYR A 232 2.13 2.74 11.42
C TYR A 232 3.07 3.06 12.58
N PHE A 233 3.49 4.32 12.64
CA PHE A 233 4.15 4.87 13.82
C PHE A 233 3.08 5.51 14.72
N ARG A 234 3.35 5.55 16.04
CA ARG A 234 2.41 6.06 17.02
C ARG A 234 3.21 6.79 18.09
N TYR A 235 2.85 8.05 18.38
CA TYR A 235 3.53 8.79 19.45
C TYR A 235 2.61 9.92 19.90
N LEU A 236 2.91 10.49 21.09
CA LEU A 236 2.18 11.64 21.58
C LEU A 236 2.91 12.91 21.17
N GLY A 237 2.22 13.83 20.50
CA GLY A 237 2.86 15.05 20.04
C GLY A 237 1.87 16.21 19.98
N SER A 238 2.02 17.05 18.95
CA SER A 238 1.38 18.36 18.98
C SER A 238 0.72 18.67 17.64
N LEU A 239 -0.09 19.71 17.64
CA LEU A 239 -0.41 20.35 16.36
C LEU A 239 0.88 20.83 15.70
N THR A 240 0.89 20.84 14.37
CA THR A 240 2.09 21.29 13.65
C THR A 240 1.97 22.72 13.16
N THR A 241 0.89 23.41 13.54
CA THR A 241 0.83 24.85 13.33
C THR A 241 0.58 25.53 14.68
N PRO A 242 0.87 26.83 14.82
CA PRO A 242 0.55 27.55 16.05
C PRO A 242 -0.93 27.32 16.37
N PRO A 243 -1.34 27.12 17.66
CA PRO A 243 -0.44 27.23 18.81
C PRO A 243 0.28 25.95 19.26
N CYS A 244 0.42 24.97 18.33
CA CYS A 244 1.27 23.81 18.57
C CYS A 244 0.86 23.06 19.86
N THR A 245 -0.44 22.99 20.14
CA THR A 245 -0.92 22.39 21.38
C THR A 245 -0.46 20.94 21.50
N GLU A 246 0.04 20.56 22.70
CA GLU A 246 0.54 19.20 22.90
C GLU A 246 -0.58 18.30 23.41
N ASN A 247 -1.53 17.99 22.52
CA ASN A 247 -2.67 17.18 22.90
C ASN A 247 -3.04 16.27 21.74
N VAL A 248 -2.05 15.91 20.91
CA VAL A 248 -2.37 15.12 19.72
C VAL A 248 -1.82 13.70 19.86
N LEU A 249 -2.70 12.68 19.76
CA LEU A 249 -2.22 11.33 19.56
C LEU A 249 -1.96 11.13 18.07
N TRP A 250 -0.69 10.95 17.67
CA TRP A 250 -0.30 10.81 16.26
C TRP A 250 -0.29 9.34 15.83
N THR A 251 -0.78 9.11 14.61
CA THR A 251 -0.63 7.81 13.94
C THR A 251 -0.17 8.17 12.53
N VAL A 252 1.00 7.66 12.13
CA VAL A 252 1.50 7.97 10.78
C VAL A 252 1.70 6.64 10.04
N PHE A 253 0.91 6.40 8.98
CA PHE A 253 1.04 5.12 8.28
C PHE A 253 2.32 5.06 7.46
N ILE A 254 3.00 3.91 7.49
CA ILE A 254 4.32 3.78 6.87
C ILE A 254 4.24 3.63 5.33
N ASP A 255 3.22 2.92 4.85
CA ASP A 255 3.06 2.74 3.41
C ASP A 255 2.30 3.92 2.79
N PRO A 256 2.81 4.52 1.71
CA PRO A 256 2.09 5.65 1.10
C PRO A 256 0.98 5.18 0.18
N VAL A 257 -0.01 6.05 0.01
CA VAL A 257 -0.95 5.87 -1.08
C VAL A 257 -0.36 6.57 -2.31
N LEU A 258 -0.98 6.38 -3.50
CA LEU A 258 -0.29 6.75 -4.73
C LEU A 258 -1.06 7.85 -5.44
N ILE A 259 -0.30 8.79 -6.05
CA ILE A 259 -0.85 9.89 -6.83
C ILE A 259 0.04 10.08 -8.06
N THR A 260 -0.39 10.95 -8.98
CA THR A 260 0.41 11.29 -10.15
C THR A 260 1.05 12.68 -10.01
N ARG A 261 2.02 13.00 -10.88
CA ARG A 261 2.58 14.35 -10.94
C ARG A 261 1.49 15.36 -11.24
N GLU A 262 0.57 15.01 -12.14
CA GLU A 262 -0.53 15.89 -12.49
C GLU A 262 -1.35 16.28 -11.27
N GLN A 263 -1.63 15.28 -10.40
CA GLN A 263 -2.41 15.52 -9.19
C GLN A 263 -1.63 16.41 -8.19
N ILE A 264 -0.33 16.18 -7.95
CA ILE A 264 0.41 17.02 -6.99
C ILE A 264 0.44 18.46 -7.53
N ASN A 265 0.56 18.61 -8.86
CA ASN A 265 0.61 19.97 -9.39
C ASN A 265 -0.71 20.71 -9.19
N LEU A 266 -1.82 19.98 -9.05
CA LEU A 266 -3.07 20.68 -8.77
C LEU A 266 -2.98 21.49 -7.48
N PHE A 267 -2.45 20.87 -6.41
CA PHE A 267 -2.32 21.55 -5.14
C PHE A 267 -1.44 22.79 -5.31
N ARG A 268 -0.41 22.67 -6.15
CA ARG A 268 0.53 23.77 -6.37
C ARG A 268 -0.13 24.95 -7.08
N ASN A 269 -1.31 24.76 -7.67
CA ASN A 269 -1.99 25.89 -8.30
C ASN A 269 -2.68 26.83 -7.31
N LEU A 270 -2.94 26.36 -6.07
CA LEU A 270 -3.58 27.23 -5.09
C LEU A 270 -2.69 28.42 -4.74
N PRO A 271 -3.26 29.64 -4.57
CA PRO A 271 -2.49 30.76 -4.06
C PRO A 271 -2.38 30.73 -2.53
N TYR A 272 -1.20 31.09 -2.02
CA TYR A 272 -1.05 31.32 -0.60
C TYR A 272 -1.87 32.54 -0.15
N GLY A 273 -2.18 32.59 1.17
CA GLY A 273 -2.75 33.80 1.77
C GLY A 273 -1.76 34.98 1.76
N SER A 274 -2.28 36.19 2.04
CA SER A 274 -1.47 37.39 1.85
C SER A 274 -0.40 37.59 2.93
N ASN A 275 -0.42 36.75 3.97
CA ASN A 275 0.60 36.75 5.02
C ASN A 275 1.90 36.11 4.52
N GLU A 276 1.83 35.41 3.39
CA GLU A 276 2.98 34.61 2.96
C GLU A 276 3.83 35.43 1.97
N LYS A 277 5.14 35.18 1.94
CA LYS A 277 6.03 35.80 0.95
C LYS A 277 5.83 35.16 -0.43
N GLN A 278 5.75 33.81 -0.49
CA GLN A 278 5.61 33.08 -1.74
C GLN A 278 4.17 33.22 -2.26
N THR A 279 3.98 33.31 -3.59
CA THR A 279 2.66 33.52 -4.17
C THR A 279 1.87 32.22 -4.21
N ARG A 280 2.47 31.17 -4.78
CA ARG A 280 1.71 29.94 -4.97
C ARG A 280 1.93 29.06 -3.73
N MET A 281 0.92 28.27 -3.37
CA MET A 281 0.97 27.51 -2.12
C MET A 281 1.90 26.30 -2.28
N GLY A 282 2.83 26.16 -1.35
CA GLY A 282 3.80 25.09 -1.42
C GLY A 282 4.82 25.29 -0.32
N ASP A 283 5.47 24.20 0.10
CA ASP A 283 6.40 24.16 1.22
C ASP A 283 5.66 24.57 2.51
N ASN A 284 4.38 24.19 2.56
CA ASN A 284 3.55 24.46 3.74
C ASN A 284 3.73 23.35 4.76
N PHE A 285 4.98 23.13 5.18
CA PHE A 285 5.30 22.13 6.19
C PHE A 285 6.17 22.76 7.28
N ARG A 286 6.00 22.28 8.53
CA ARG A 286 6.86 22.68 9.63
C ARG A 286 8.16 21.89 9.62
N PRO A 287 9.31 22.48 10.01
CA PRO A 287 10.54 21.71 10.12
C PRO A 287 10.43 20.63 11.20
N ILE A 288 11.34 19.67 11.10
CA ILE A 288 11.41 18.52 11.99
C ILE A 288 11.79 18.94 13.41
N GLN A 289 11.08 18.38 14.40
CA GLN A 289 11.32 18.55 15.82
C GLN A 289 11.97 17.28 16.36
N LEU A 290 12.72 17.41 17.48
CA LEU A 290 13.26 16.23 18.11
C LEU A 290 12.22 15.50 18.93
N LEU A 291 12.32 14.17 18.98
CA LEU A 291 11.49 13.38 19.89
C LEU A 291 11.69 13.88 21.32
N ASN A 292 12.95 14.08 21.69
CA ASN A 292 13.26 14.49 23.07
C ASN A 292 14.28 15.62 23.07
N PRO A 293 13.86 16.90 22.97
CA PRO A 293 14.77 18.04 23.15
C PRO A 293 15.48 17.92 24.50
N ILE A 294 16.65 18.57 24.64
CA ILE A 294 17.49 18.30 25.80
C ILE A 294 16.82 18.79 27.08
N ASP A 295 15.89 19.74 26.97
CA ASP A 295 15.25 20.29 28.16
C ASP A 295 13.99 19.50 28.55
N THR A 296 13.74 18.31 27.97
CA THR A 296 12.51 17.60 28.31
C THR A 296 12.50 17.19 29.80
N LEU A 297 11.32 17.19 30.41
CA LEU A 297 11.22 16.74 31.80
C LEU A 297 10.66 15.31 31.91
N ALA A 298 10.24 14.72 30.78
CA ALA A 298 9.89 13.31 30.84
C ALA A 298 9.89 12.80 29.40
N SER A 299 10.80 11.88 29.09
CA SER A 299 11.04 11.55 27.68
C SER A 299 9.81 10.86 27.11
N ARG A 300 9.53 11.09 25.81
CA ARG A 300 8.49 10.30 25.18
C ARG A 300 9.15 9.21 24.33
N THR A 301 8.35 8.20 23.95
CA THR A 301 8.86 7.08 23.17
C THR A 301 8.12 7.04 21.83
N LEU A 302 8.83 6.73 20.75
CA LEU A 302 8.16 6.48 19.48
C LEU A 302 7.84 4.99 19.34
N TYR A 303 6.56 4.68 19.07
CA TYR A 303 6.10 3.30 18.93
C TYR A 303 5.80 2.98 17.46
N ARG A 304 5.79 1.68 17.14
CA ARG A 304 5.49 1.16 15.81
C ARG A 304 4.49 0.03 16.00
N ALA A 305 3.59 -0.12 15.00
CA ALA A 305 2.62 -1.21 14.98
C ALA A 305 2.82 -2.00 13.69
N THR A 306 2.46 -3.29 13.74
CA THR A 306 2.38 -4.12 12.54
C THR A 306 1.28 -5.17 12.70
N ALA A 307 0.84 -5.80 11.59
CA ALA A 307 -0.28 -6.73 11.65
C ALA A 307 0.12 -7.95 12.46
N ARG A 308 -0.86 -8.50 13.20
CA ARG A 308 -0.79 -9.78 13.88
C ARG A 308 -0.20 -10.79 12.88
N GLY A 309 1.05 -11.21 13.12
CA GLY A 309 1.86 -11.92 12.13
C GLY A 309 1.73 -13.43 12.24
N GLU B 33 9.15 -27.89 -23.93
CA GLU B 33 8.04 -28.11 -24.90
C GLU B 33 7.12 -26.89 -24.98
N TRP B 34 7.34 -25.90 -24.11
CA TRP B 34 6.57 -24.67 -24.18
C TRP B 34 7.47 -23.46 -23.99
N SER B 35 6.99 -22.31 -24.47
CA SER B 35 7.73 -21.08 -24.34
C SER B 35 6.75 -19.90 -24.28
N TYR B 36 7.31 -18.71 -24.06
CA TYR B 36 6.55 -17.47 -24.15
C TYR B 36 6.75 -16.82 -25.51
N THR B 37 7.95 -16.95 -26.09
CA THR B 37 8.28 -16.05 -27.20
C THR B 37 8.47 -16.76 -28.53
N ASN B 38 8.57 -18.10 -28.50
CA ASN B 38 8.78 -18.87 -29.72
C ASN B 38 7.44 -19.32 -30.27
N ILE B 39 7.08 -18.87 -31.47
CA ILE B 39 5.73 -19.08 -31.95
C ILE B 39 5.41 -20.55 -32.18
N LEU B 40 6.42 -21.43 -32.18
CA LEU B 40 6.13 -22.85 -32.31
C LEU B 40 5.52 -23.41 -31.03
N THR B 41 5.85 -22.79 -29.89
CA THR B 41 5.51 -23.43 -28.63
C THR B 41 4.92 -22.42 -27.64
N GLY B 42 4.60 -21.22 -28.15
CA GLY B 42 4.20 -20.07 -27.35
C GLY B 42 2.76 -20.19 -26.82
N PRO B 43 2.29 -19.19 -26.04
CA PRO B 43 0.99 -19.30 -25.37
C PRO B 43 -0.24 -19.63 -26.22
N GLU B 44 -0.26 -19.16 -27.48
CA GLU B 44 -1.39 -19.41 -28.38
C GLU B 44 -1.45 -20.89 -28.76
N THR B 45 -0.38 -21.63 -28.50
CA THR B 45 -0.37 -23.04 -28.85
C THR B 45 -0.78 -23.93 -27.68
N TRP B 46 -0.87 -23.40 -26.46
CA TRP B 46 -1.01 -24.29 -25.31
C TRP B 46 -2.36 -25.01 -25.32
N HIS B 47 -3.40 -24.36 -25.83
CA HIS B 47 -4.73 -24.98 -25.85
C HIS B 47 -4.69 -26.31 -26.62
N GLU B 48 -3.83 -26.34 -27.66
CA GLU B 48 -3.66 -27.48 -28.54
C GLU B 48 -2.61 -28.44 -27.97
N HIS B 49 -1.48 -27.90 -27.50
CA HIS B 49 -0.40 -28.76 -27.06
C HIS B 49 -0.69 -29.43 -25.72
N TYR B 50 -1.47 -28.76 -24.85
CA TYR B 50 -1.76 -29.29 -23.53
C TYR B 50 -3.27 -29.20 -23.24
N LYS B 51 -4.06 -30.01 -23.95
CA LYS B 51 -5.50 -29.96 -23.82
C LYS B 51 -5.94 -30.05 -22.35
N ASN B 52 -5.44 -31.06 -21.59
CA ASN B 52 -5.64 -31.10 -20.15
C ASN B 52 -4.48 -30.32 -19.53
N MET B 53 -4.75 -29.12 -19.01
CA MET B 53 -6.07 -28.50 -18.95
C MET B 53 -6.04 -27.11 -19.58
N CYS B 54 -5.06 -26.80 -20.47
CA CYS B 54 -4.98 -25.47 -21.05
C CYS B 54 -6.16 -25.12 -21.99
N SER B 55 -6.97 -26.12 -22.33
CA SER B 55 -8.16 -25.89 -23.15
C SER B 55 -9.41 -25.62 -22.30
N GLY B 56 -9.29 -25.55 -20.97
CA GLY B 56 -10.43 -25.51 -20.07
C GLY B 56 -11.10 -24.13 -20.04
N TYR B 57 -12.11 -24.01 -19.17
CA TYR B 57 -12.84 -22.76 -19.05
C TYR B 57 -12.79 -22.19 -17.62
N TYR B 58 -11.84 -22.67 -16.80
CA TYR B 58 -11.55 -22.07 -15.50
C TYR B 58 -10.06 -21.66 -15.50
N GLN B 59 -9.64 -20.94 -16.53
CA GLN B 59 -8.23 -20.63 -16.72
C GLN B 59 -7.86 -19.28 -16.06
N SER B 60 -6.55 -19.11 -15.90
CA SER B 60 -5.97 -17.88 -15.37
C SER B 60 -4.84 -17.47 -16.32
N PRO B 61 -4.43 -16.18 -16.39
CA PRO B 61 -4.99 -15.09 -15.59
C PRO B 61 -6.26 -14.53 -16.22
N ILE B 62 -6.95 -13.66 -15.49
CA ILE B 62 -8.17 -13.00 -15.96
C ILE B 62 -8.01 -11.50 -15.72
N ASP B 63 -8.88 -10.71 -16.36
CA ASP B 63 -9.02 -9.31 -16.00
C ASP B 63 -9.84 -9.21 -14.71
N LEU B 64 -9.27 -8.56 -13.69
CA LEU B 64 -9.95 -8.41 -12.42
C LEU B 64 -10.76 -7.12 -12.43
N LYS B 65 -12.08 -7.27 -12.62
CA LYS B 65 -12.97 -6.14 -12.88
C LYS B 65 -13.64 -5.75 -11.57
N THR B 66 -13.32 -4.56 -11.06
CA THR B 66 -13.87 -4.10 -9.79
C THR B 66 -15.40 -4.04 -9.80
N ASP B 67 -15.98 -3.52 -10.89
CA ASP B 67 -17.42 -3.39 -11.07
C ASP B 67 -18.10 -4.76 -11.18
N ILE B 68 -17.55 -5.66 -11.99
CA ILE B 68 -18.13 -6.99 -12.19
C ILE B 68 -17.47 -8.00 -11.25
N SER B 69 -17.46 -7.70 -9.95
CA SER B 69 -16.99 -8.63 -8.95
C SER B 69 -17.96 -8.53 -7.77
N THR B 70 -18.02 -9.59 -6.96
CA THR B 70 -18.93 -9.64 -5.82
C THR B 70 -18.11 -9.43 -4.55
N LEU B 71 -18.48 -8.43 -3.76
CA LEU B 71 -17.83 -8.22 -2.47
C LEU B 71 -18.25 -9.31 -1.50
N ASP B 72 -17.29 -9.97 -0.84
CA ASP B 72 -17.64 -10.99 0.13
C ASP B 72 -16.96 -10.65 1.46
N LEU B 73 -17.77 -10.26 2.46
CA LEU B 73 -17.22 -9.72 3.69
C LEU B 73 -16.65 -10.82 4.59
N LYS B 74 -16.93 -12.10 4.27
CA LYS B 74 -16.40 -13.22 5.03
C LYS B 74 -14.93 -13.49 4.72
N LEU B 75 -14.38 -12.92 3.62
CA LEU B 75 -13.01 -13.26 3.25
C LEU B 75 -12.07 -12.41 4.12
N LYS B 76 -11.19 -13.07 4.89
CA LYS B 76 -10.47 -12.39 5.95
C LYS B 76 -9.07 -11.95 5.49
N THR B 77 -8.37 -11.21 6.37
CA THR B 77 -7.04 -10.72 6.05
C THR B 77 -6.12 -11.90 5.84
N VAL B 78 -5.21 -11.82 4.85
CA VAL B 78 -4.23 -12.87 4.63
C VAL B 78 -3.05 -12.68 5.58
N ILE B 79 -2.57 -13.77 6.18
CA ILE B 79 -1.37 -13.75 7.01
C ILE B 79 -0.32 -14.68 6.42
N ILE B 80 0.93 -14.21 6.37
CA ILE B 80 2.03 -15.09 6.02
C ILE B 80 2.93 -15.20 7.24
N TYR B 81 3.38 -16.43 7.56
CA TYR B 81 4.06 -16.63 8.83
C TYR B 81 5.10 -17.74 8.69
N ARG B 82 6.12 -17.69 9.57
CA ARG B 82 7.28 -18.58 9.44
C ARG B 82 7.35 -19.54 10.64
N ASN B 83 7.86 -20.72 10.34
CA ASN B 83 8.24 -21.67 11.36
C ASN B 83 9.67 -21.30 11.81
N THR B 84 9.79 -20.79 13.03
CA THR B 84 11.08 -20.27 13.48
C THR B 84 12.09 -21.36 13.83
N SER B 85 11.66 -22.63 13.95
CA SER B 85 12.59 -23.73 14.19
C SER B 85 13.27 -24.14 12.88
N SER B 86 12.81 -23.59 11.76
CA SER B 86 13.34 -24.01 10.47
C SER B 86 14.69 -23.32 10.23
N THR B 87 15.67 -24.07 9.70
CA THR B 87 16.99 -23.51 9.49
C THR B 87 17.49 -23.78 8.07
N GLU B 88 16.78 -24.59 7.29
CA GLU B 88 17.28 -24.92 5.97
C GLU B 88 17.37 -23.66 5.08
N THR B 89 18.22 -23.74 4.06
CA THR B 89 18.57 -22.61 3.21
C THR B 89 17.51 -22.37 2.13
N THR B 90 17.36 -21.13 1.67
CA THR B 90 16.52 -20.78 0.52
C THR B 90 17.40 -20.67 -0.73
N THR B 91 16.86 -21.06 -1.91
CA THR B 91 17.62 -20.91 -3.14
C THR B 91 16.80 -20.15 -4.18
N ILE B 92 17.46 -19.71 -5.26
CA ILE B 92 16.80 -19.13 -6.41
C ILE B 92 17.40 -19.78 -7.66
N GLN B 93 16.56 -19.99 -8.68
CA GLN B 93 16.99 -20.65 -9.90
C GLN B 93 16.48 -19.85 -11.10
N ASN B 94 17.33 -19.73 -12.14
CA ASN B 94 16.84 -19.35 -13.45
C ASN B 94 16.40 -20.64 -14.14
N ASN B 95 15.09 -20.87 -14.23
CA ASN B 95 14.59 -22.13 -14.76
C ASN B 95 14.35 -22.01 -16.27
N GLY B 96 14.71 -20.87 -16.88
CA GLY B 96 14.54 -20.67 -18.31
C GLY B 96 13.25 -19.92 -18.68
N HIS B 97 12.29 -19.84 -17.73
CA HIS B 97 11.04 -19.14 -17.95
C HIS B 97 10.83 -18.01 -16.91
N SER B 98 11.47 -18.13 -15.75
CA SER B 98 11.36 -17.12 -14.71
C SER B 98 12.53 -17.23 -13.75
N ALA B 99 12.59 -16.31 -12.78
CA ALA B 99 13.42 -16.47 -11.60
C ALA B 99 12.54 -17.06 -10.50
N GLU B 100 12.91 -18.23 -9.98
CA GLU B 100 12.08 -18.91 -9.01
C GLU B 100 12.84 -19.10 -7.70
N VAL B 101 12.35 -18.46 -6.65
CA VAL B 101 12.83 -18.71 -5.32
C VAL B 101 12.21 -20.01 -4.83
N LYS B 102 13.06 -20.92 -4.34
CA LYS B 102 12.59 -22.17 -3.77
C LYS B 102 12.84 -22.17 -2.28
N PHE B 103 11.73 -22.27 -1.51
CA PHE B 103 11.78 -22.28 -0.07
C PHE B 103 11.92 -23.72 0.41
N PRO B 104 12.59 -23.93 1.56
CA PRO B 104 12.63 -25.26 2.17
C PRO B 104 11.22 -25.61 2.65
N ARG B 105 10.94 -26.92 2.69
CA ARG B 105 9.69 -27.44 3.22
C ARG B 105 9.51 -27.00 4.67
N ASN B 106 8.25 -26.95 5.12
CA ASN B 106 7.87 -26.75 6.51
C ASN B 106 8.37 -25.43 7.10
N THR B 107 8.40 -24.36 6.30
CA THR B 107 9.06 -23.13 6.73
C THR B 107 8.13 -21.91 6.65
N TRP B 108 7.52 -21.67 5.49
CA TRP B 108 6.63 -20.53 5.30
C TRP B 108 5.19 -20.99 5.03
N PHE B 109 4.22 -20.27 5.61
CA PHE B 109 2.81 -20.67 5.58
C PHE B 109 1.90 -19.48 5.28
N ILE B 110 0.70 -19.78 4.74
CA ILE B 110 -0.35 -18.78 4.63
C ILE B 110 -1.52 -19.19 5.52
N SER B 111 -2.15 -18.20 6.14
CA SER B 111 -3.43 -18.44 6.79
C SER B 111 -4.44 -17.50 6.19
N PHE B 112 -5.59 -18.06 5.78
CA PHE B 112 -6.71 -17.25 5.33
C PHE B 112 -7.77 -17.12 6.41
N ASP B 113 -7.56 -17.78 7.57
CA ASP B 113 -8.68 -17.84 8.52
C ASP B 113 -8.26 -17.35 9.91
N GLY B 114 -7.06 -16.77 10.04
CA GLY B 114 -6.63 -16.27 11.34
C GLY B 114 -5.95 -17.32 12.23
N ILE B 115 -6.03 -18.60 11.85
CA ILE B 115 -5.43 -19.64 12.66
C ILE B 115 -4.08 -19.99 12.06
N LEU B 116 -3.06 -20.13 12.92
CA LEU B 116 -1.71 -20.40 12.44
C LEU B 116 -1.42 -21.90 12.55
N ASP B 117 -2.22 -22.71 11.83
CA ASP B 117 -2.17 -24.16 11.95
C ASP B 117 -1.74 -24.86 10.66
N TYR B 118 -0.95 -24.17 9.82
CA TYR B 118 -0.19 -24.80 8.72
C TYR B 118 -1.11 -25.36 7.63
N LYS B 119 -2.26 -24.72 7.40
CA LYS B 119 -3.19 -25.20 6.37
C LYS B 119 -2.63 -25.09 4.95
N TYR B 120 -1.88 -24.00 4.67
CA TYR B 120 -1.27 -23.78 3.37
C TYR B 120 0.22 -23.56 3.62
N GLU B 121 1.05 -24.31 2.90
CA GLU B 121 2.51 -24.28 3.04
C GLU B 121 3.10 -23.72 1.74
N ILE B 122 3.94 -22.69 1.89
CA ILE B 122 4.54 -22.02 0.75
C ILE B 122 5.69 -22.87 0.18
N ILE B 123 5.70 -23.02 -1.14
CA ILE B 123 6.68 -23.84 -1.85
C ILE B 123 7.71 -22.94 -2.50
N GLN B 124 7.25 -21.92 -3.24
CA GLN B 124 8.15 -21.18 -4.10
C GLN B 124 7.53 -19.83 -4.41
N MET B 125 8.35 -18.91 -4.92
CA MET B 125 7.85 -17.65 -5.42
C MET B 125 8.57 -17.36 -6.73
N HIS B 126 7.83 -16.97 -7.76
CA HIS B 126 8.47 -16.61 -9.02
C HIS B 126 7.77 -15.37 -9.58
N PHE B 127 8.23 -14.90 -10.74
CA PHE B 127 7.91 -13.56 -11.17
C PHE B 127 7.60 -13.56 -12.66
N HIS B 128 6.75 -12.62 -13.05
CA HIS B 128 6.37 -12.35 -14.42
C HIS B 128 6.60 -10.86 -14.67
N TRP B 129 7.31 -10.51 -15.75
CA TRP B 129 7.55 -9.11 -16.04
C TRP B 129 7.60 -8.85 -17.55
N GLY B 130 7.75 -7.58 -17.90
CA GLY B 130 7.69 -7.14 -19.28
C GLY B 130 9.06 -6.70 -19.81
N ASN B 131 9.17 -6.62 -21.14
CA ASN B 131 10.34 -6.00 -21.77
C ASN B 131 10.38 -4.50 -21.45
N THR B 132 9.21 -3.90 -21.23
CA THR B 132 9.05 -2.48 -20.99
C THR B 132 8.17 -2.29 -19.74
N ASP B 133 8.16 -1.06 -19.20
CA ASP B 133 7.61 -0.82 -17.88
C ASP B 133 6.08 -0.81 -17.91
N ASP B 134 5.51 -0.79 -19.10
CA ASP B 134 4.07 -0.63 -19.21
C ASP B 134 3.36 -1.99 -19.33
N ARG B 135 4.10 -3.09 -19.22
CA ARG B 135 3.46 -4.41 -19.23
C ARG B 135 4.30 -5.38 -18.39
N GLY B 136 3.78 -6.60 -18.13
CA GLY B 136 4.55 -7.57 -17.41
C GLY B 136 3.68 -8.49 -16.55
N SER B 137 2.63 -7.93 -15.94
CA SER B 137 1.80 -8.72 -15.03
C SER B 137 0.95 -9.70 -15.84
N GLU B 138 0.49 -10.78 -15.19
CA GLU B 138 -0.41 -11.72 -15.86
C GLU B 138 -1.86 -11.26 -15.68
N HIS B 139 -2.28 -11.08 -14.41
CA HIS B 139 -3.54 -10.43 -14.15
C HIS B 139 -3.45 -8.95 -14.54
N THR B 140 -4.59 -8.42 -14.96
CA THR B 140 -4.84 -6.99 -15.04
C THR B 140 -5.92 -6.62 -14.03
N ILE B 141 -5.90 -5.35 -13.61
CA ILE B 141 -6.93 -4.80 -12.73
C ILE B 141 -7.59 -3.68 -13.51
N ASP B 142 -8.87 -3.90 -13.87
CA ASP B 142 -9.65 -3.01 -14.72
C ASP B 142 -8.88 -2.70 -16.01
N GLY B 143 -8.26 -3.73 -16.58
CA GLY B 143 -7.55 -3.63 -17.83
C GLY B 143 -6.11 -3.10 -17.70
N PHE B 144 -5.67 -2.79 -16.48
CA PHE B 144 -4.34 -2.18 -16.33
C PHE B 144 -3.27 -3.23 -16.04
N ARG B 145 -2.14 -3.17 -16.78
CA ARG B 145 -1.03 -4.09 -16.63
C ARG B 145 0.03 -3.45 -15.72
N PHE B 146 0.55 -4.23 -14.77
CA PHE B 146 1.62 -3.74 -13.89
C PHE B 146 2.95 -4.19 -14.47
N PRO B 147 4.10 -3.59 -14.09
CA PRO B 147 5.36 -4.05 -14.64
C PRO B 147 5.90 -5.37 -14.13
N LEU B 148 5.44 -5.86 -12.95
CA LEU B 148 5.95 -7.09 -12.35
C LEU B 148 4.84 -7.68 -11.49
N GLU B 149 4.57 -8.98 -11.64
CA GLU B 149 3.65 -9.71 -10.75
C GLU B 149 4.41 -10.88 -10.15
N GLY B 150 4.44 -10.94 -8.81
CA GLY B 150 5.03 -12.10 -8.16
C GLY B 150 3.95 -13.09 -7.73
N HIS B 151 4.29 -14.38 -7.84
CA HIS B 151 3.38 -15.44 -7.43
C HIS B 151 4.01 -16.22 -6.30
N ILE B 152 3.35 -16.21 -5.14
CA ILE B 152 3.78 -17.02 -4.02
C ILE B 152 2.91 -18.29 -4.04
N VAL B 153 3.55 -19.44 -4.30
CA VAL B 153 2.82 -20.66 -4.60
C VAL B 153 2.80 -21.55 -3.35
N SER B 154 1.59 -21.96 -2.93
CA SER B 154 1.46 -22.81 -1.75
C SER B 154 0.61 -24.04 -2.07
N PHE B 155 0.75 -25.09 -1.24
CA PHE B 155 -0.14 -26.23 -1.38
C PHE B 155 -1.01 -26.33 -0.14
N ARG B 156 -2.17 -26.96 -0.32
CA ARG B 156 -3.13 -27.09 0.74
C ARG B 156 -2.73 -28.28 1.60
N ARG B 157 -1.77 -28.01 2.50
CA ARG B 157 -1.23 -29.00 3.43
C ARG B 157 -2.34 -29.57 4.33
N GLN B 158 -3.38 -28.78 4.57
CA GLN B 158 -4.60 -29.23 5.24
C GLN B 158 -5.12 -30.56 4.69
N MET B 159 -4.98 -30.77 3.36
CA MET B 159 -5.49 -31.97 2.72
CA MET B 159 -5.50 -31.93 2.64
C MET B 159 -4.37 -32.86 2.20
N TYR B 160 -3.27 -32.25 1.72
CA TYR B 160 -2.28 -33.02 0.98
C TYR B 160 -0.94 -32.95 1.70
N SER B 161 -0.23 -34.08 1.77
CA SER B 161 0.94 -34.07 2.64
C SER B 161 2.20 -33.54 1.96
N SER B 162 2.23 -33.43 0.62
CA SER B 162 3.40 -32.86 -0.03
C SER B 162 3.03 -32.01 -1.24
N PRO B 163 3.95 -31.15 -1.74
CA PRO B 163 3.73 -30.43 -3.00
C PRO B 163 3.40 -31.38 -4.14
N SER B 164 4.15 -32.49 -4.24
CA SER B 164 3.99 -33.32 -5.43
C SER B 164 2.65 -34.06 -5.38
N GLU B 165 2.13 -34.33 -4.18
CA GLU B 165 0.80 -34.89 -4.06
C GLU B 165 -0.24 -33.83 -4.44
N ALA B 166 -0.02 -32.57 -4.05
CA ALA B 166 -1.02 -31.51 -4.27
C ALA B 166 -1.08 -30.98 -5.70
N ILE B 167 0.06 -30.89 -6.37
CA ILE B 167 0.24 -30.13 -7.59
C ILE B 167 -0.75 -30.55 -8.67
N GLY B 168 -1.08 -31.86 -8.71
CA GLY B 168 -1.95 -32.38 -9.75
C GLY B 168 -3.37 -32.70 -9.26
N ARG B 169 -3.71 -32.33 -8.03
CA ARG B 169 -4.94 -32.90 -7.48
C ARG B 169 -5.98 -31.81 -7.26
N PRO B 170 -7.29 -32.13 -7.18
CA PRO B 170 -8.31 -31.08 -7.05
C PRO B 170 -8.08 -30.21 -5.83
N GLY B 171 -8.18 -28.89 -6.03
CA GLY B 171 -8.13 -27.97 -4.91
C GLY B 171 -6.76 -27.99 -4.19
N GLY B 172 -5.69 -28.42 -4.89
CA GLY B 172 -4.42 -28.65 -4.20
C GLY B 172 -3.59 -27.39 -3.93
N LEU B 173 -3.84 -26.30 -4.67
CA LEU B 173 -2.93 -25.14 -4.67
C LEU B 173 -3.65 -23.85 -4.29
N ALA B 174 -2.88 -22.94 -3.69
CA ALA B 174 -3.34 -21.56 -3.53
C ALA B 174 -2.17 -20.64 -3.91
N VAL B 175 -2.41 -19.64 -4.76
CA VAL B 175 -1.34 -18.73 -5.17
C VAL B 175 -1.70 -17.32 -4.75
N LEU B 176 -0.73 -16.56 -4.21
CA LEU B 176 -0.94 -15.13 -3.96
C LEU B 176 -0.24 -14.35 -5.07
N GLY B 177 -0.97 -13.41 -5.66
CA GLY B 177 -0.41 -12.52 -6.68
C GLY B 177 -0.15 -11.15 -6.07
N ILE B 178 1.12 -10.70 -6.21
CA ILE B 178 1.56 -9.41 -5.67
C ILE B 178 1.98 -8.52 -6.83
N MET B 179 1.21 -7.44 -7.06
CA MET B 179 1.56 -6.45 -8.08
C MET B 179 2.65 -5.54 -7.56
N HIS B 180 3.52 -5.08 -8.47
CA HIS B 180 4.60 -4.15 -8.13
C HIS B 180 4.46 -2.94 -9.07
N GLN B 181 4.62 -1.73 -8.52
CA GLN B 181 4.62 -0.55 -9.37
C GLN B 181 5.94 0.20 -9.17
N ILE B 182 6.38 0.89 -10.23
CA ILE B 182 7.65 1.61 -10.24
C ILE B 182 7.47 3.03 -9.72
N VAL B 183 8.35 3.45 -8.79
CA VAL B 183 8.36 4.84 -8.33
C VAL B 183 9.78 5.39 -8.49
N GLU B 184 9.87 6.72 -8.62
CA GLU B 184 11.13 7.42 -8.83
C GLU B 184 11.79 7.72 -7.49
N SER B 185 10.98 7.97 -6.46
CA SER B 185 11.56 8.44 -5.21
C SER B 185 11.17 7.51 -4.06
N ILE B 186 12.15 6.79 -3.51
CA ILE B 186 11.86 5.87 -2.41
C ILE B 186 13.17 5.43 -1.76
N LYS B 187 13.16 5.17 -0.46
CA LYS B 187 14.31 4.53 0.16
C LYS B 187 14.29 3.03 -0.10
N TYR B 188 15.47 2.46 -0.33
CA TYR B 188 15.60 1.03 -0.55
C TYR B 188 14.75 0.22 0.44
N GLU B 189 14.79 0.59 1.74
CA GLU B 189 14.19 -0.17 2.81
C GLU B 189 12.67 -0.26 2.68
N GLN B 190 12.08 0.64 1.88
CA GLN B 190 10.63 0.65 1.72
C GLN B 190 10.23 0.02 0.38
N THR B 191 11.20 -0.54 -0.36
CA THR B 191 10.85 -1.21 -1.61
C THR B 191 10.66 -2.69 -1.37
N ALA B 192 9.96 -3.37 -2.29
CA ALA B 192 9.80 -4.81 -2.15
C ALA B 192 11.18 -5.50 -2.14
N PHE B 193 12.20 -4.92 -2.80
CA PHE B 193 13.49 -5.58 -2.82
C PHE B 193 14.10 -5.73 -1.43
N LYS B 194 13.73 -4.83 -0.50
CA LYS B 194 14.23 -5.04 0.87
C LYS B 194 13.70 -6.38 1.40
N ALA B 195 12.40 -6.66 1.22
CA ALA B 195 11.83 -7.93 1.65
C ALA B 195 12.53 -9.11 0.96
N TYR B 196 12.90 -8.93 -0.30
CA TYR B 196 13.58 -9.96 -1.07
C TYR B 196 15.07 -10.04 -0.72
N ASN B 197 15.57 -9.14 0.14
CA ASN B 197 16.99 -9.00 0.46
C ASN B 197 17.81 -8.90 -0.81
N ASN B 198 17.27 -8.16 -1.77
CA ASN B 198 17.92 -7.92 -3.05
C ASN B 198 18.26 -9.22 -3.80
N PHE B 199 17.62 -10.34 -3.42
CA PHE B 199 17.94 -11.65 -4.01
C PHE B 199 19.44 -11.90 -3.85
N SER B 200 20.01 -11.32 -2.78
CA SER B 200 21.41 -11.51 -2.40
C SER B 200 22.35 -11.12 -3.53
N GLY B 201 21.88 -10.24 -4.41
CA GLY B 201 22.70 -9.65 -5.47
C GLY B 201 23.00 -10.66 -6.58
N VAL B 202 22.20 -11.73 -6.63
CA VAL B 202 22.46 -12.87 -7.48
C VAL B 202 22.03 -12.65 -8.94
N LEU B 203 21.07 -11.75 -9.20
CA LEU B 203 20.54 -11.53 -10.55
C LEU B 203 21.53 -10.76 -11.43
N ASN B 204 22.02 -11.40 -12.50
CA ASN B 204 22.87 -10.74 -13.49
C ASN B 204 22.85 -11.58 -14.77
N SER B 205 23.48 -11.06 -15.83
CA SER B 205 23.52 -11.69 -17.14
C SER B 205 24.10 -13.10 -17.11
N GLN B 206 24.91 -13.41 -16.08
CA GLN B 206 25.59 -14.70 -16.01
C GLN B 206 24.76 -15.71 -15.22
N PHE B 207 23.57 -15.31 -14.77
CA PHE B 207 22.76 -16.25 -14.04
C PHE B 207 21.90 -17.00 -15.05
N VAL B 208 22.49 -18.04 -15.68
CA VAL B 208 21.92 -18.70 -16.85
C VAL B 208 21.12 -19.93 -16.40
N PRO B 209 20.08 -20.37 -17.15
CA PRO B 209 19.38 -21.62 -16.83
C PRO B 209 20.38 -22.77 -16.94
N PRO B 210 20.26 -23.84 -16.11
CA PRO B 210 19.29 -23.92 -15.02
C PRO B 210 19.95 -23.73 -13.66
N ASN B 211 20.89 -22.77 -13.59
CA ASN B 211 21.68 -22.53 -12.39
C ASN B 211 20.76 -22.15 -11.23
N ASN B 212 21.11 -22.63 -10.04
CA ASN B 212 20.54 -22.14 -8.80
C ASN B 212 21.65 -21.58 -7.92
N SER B 213 21.29 -20.66 -7.02
CA SER B 213 22.22 -20.10 -6.05
C SER B 213 21.55 -20.08 -4.68
N THR B 214 22.31 -20.35 -3.61
CA THR B 214 21.84 -20.03 -2.26
C THR B 214 21.61 -18.52 -2.11
N ILE B 215 20.55 -18.12 -1.41
CA ILE B 215 20.28 -16.71 -1.16
C ILE B 215 19.83 -16.55 0.30
N ASP B 216 19.96 -15.32 0.82
CA ASP B 216 19.37 -14.99 2.11
C ASP B 216 17.86 -15.21 2.03
N ASP B 217 17.24 -15.59 3.15
CA ASP B 217 15.82 -15.87 3.12
C ASP B 217 15.07 -14.58 2.77
N ILE B 218 13.91 -14.76 2.13
CA ILE B 218 12.99 -13.68 1.80
C ILE B 218 12.11 -13.43 3.01
N ASN B 219 11.96 -12.16 3.41
CA ASN B 219 11.06 -11.83 4.49
C ASN B 219 9.64 -11.61 3.92
N LEU B 220 8.90 -12.71 3.78
CA LEU B 220 7.59 -12.65 3.14
C LEU B 220 6.59 -11.88 4.01
N ALA B 221 6.78 -11.85 5.32
CA ALA B 221 5.91 -11.08 6.20
C ALA B 221 6.07 -9.57 5.99
N LEU B 222 7.33 -9.09 5.88
CA LEU B 222 7.57 -7.71 5.48
C LEU B 222 6.93 -7.41 4.12
N LEU B 223 7.11 -8.30 3.13
CA LEU B 223 6.55 -8.06 1.81
C LEU B 223 5.06 -7.77 1.92
N LEU B 224 4.36 -8.65 2.66
CA LEU B 224 2.91 -8.51 2.77
C LEU B 224 2.54 -7.20 3.49
N SER B 225 3.39 -6.74 4.42
CA SER B 225 3.10 -5.52 5.16
C SER B 225 3.22 -4.28 4.26
N LEU B 226 3.85 -4.41 3.08
CA LEU B 226 4.04 -3.28 2.17
C LEU B 226 2.78 -2.97 1.37
N LEU B 227 1.73 -3.84 1.46
CA LEU B 227 0.44 -3.59 0.82
C LEU B 227 -0.66 -3.86 1.84
N ASN B 228 -1.93 -3.70 1.44
CA ASN B 228 -3.04 -3.97 2.35
C ASN B 228 -3.49 -5.42 2.19
N PRO B 229 -3.25 -6.29 3.20
CA PRO B 229 -3.47 -7.73 3.03
C PRO B 229 -4.94 -8.14 3.21
N SER B 230 -5.81 -7.15 3.40
CA SER B 230 -7.26 -7.37 3.49
C SER B 230 -7.95 -7.08 2.17
N ARG B 231 -7.24 -6.49 1.19
CA ARG B 231 -7.90 -5.92 0.02
C ARG B 231 -7.44 -6.67 -1.25
N TYR B 232 -8.32 -7.55 -1.77
CA TYR B 232 -7.83 -8.47 -2.79
C TYR B 232 -9.00 -8.97 -3.62
N PHE B 233 -8.67 -9.49 -4.83
CA PHE B 233 -9.59 -10.31 -5.61
C PHE B 233 -9.38 -11.79 -5.28
N ARG B 234 -10.47 -12.59 -5.41
CA ARG B 234 -10.41 -14.01 -5.07
C ARG B 234 -11.27 -14.76 -6.10
N TYR B 235 -10.71 -15.83 -6.71
CA TYR B 235 -11.51 -16.66 -7.60
C TYR B 235 -10.83 -18.02 -7.73
N LEU B 236 -11.58 -19.00 -8.29
CA LEU B 236 -11.02 -20.32 -8.62
C LEU B 236 -10.51 -20.33 -10.05
N GLY B 237 -9.24 -20.69 -10.24
CA GLY B 237 -8.67 -20.67 -11.59
C GLY B 237 -7.60 -21.76 -11.75
N SER B 238 -6.49 -21.41 -12.42
CA SER B 238 -5.57 -22.41 -12.96
C SER B 238 -4.12 -21.95 -12.80
N LEU B 239 -3.18 -22.89 -12.99
CA LEU B 239 -1.81 -22.49 -13.25
C LEU B 239 -1.76 -21.67 -14.55
N THR B 240 -0.83 -20.71 -14.61
CA THR B 240 -0.77 -19.88 -15.82
C THR B 240 0.34 -20.37 -16.76
N THR B 241 0.93 -21.52 -16.46
CA THR B 241 1.80 -22.17 -17.45
C THR B 241 1.30 -23.60 -17.64
N PRO B 242 1.69 -24.29 -18.74
CA PRO B 242 1.21 -25.64 -18.99
C PRO B 242 1.62 -26.47 -17.79
N PRO B 243 0.81 -27.47 -17.36
CA PRO B 243 -0.44 -27.82 -18.05
C PRO B 243 -1.70 -27.07 -17.60
N CYS B 244 -1.55 -25.89 -16.98
CA CYS B 244 -2.71 -25.02 -16.74
C CYS B 244 -3.78 -25.69 -15.87
N THR B 245 -3.34 -26.48 -14.90
CA THR B 245 -4.21 -27.27 -14.04
C THR B 245 -5.23 -26.38 -13.35
N GLU B 246 -6.51 -26.81 -13.38
CA GLU B 246 -7.59 -25.99 -12.80
C GLU B 246 -7.77 -26.38 -11.34
N ASN B 247 -6.77 -26.06 -10.51
CA ASN B 247 -6.86 -26.40 -9.10
C ASN B 247 -6.23 -25.30 -8.23
N VAL B 248 -6.32 -24.03 -8.67
CA VAL B 248 -5.67 -22.93 -7.96
C VAL B 248 -6.72 -22.02 -7.32
N LEU B 249 -6.65 -21.89 -5.99
CA LEU B 249 -7.37 -20.80 -5.34
C LEU B 249 -6.52 -19.54 -5.49
N TRP B 250 -7.01 -18.57 -6.26
CA TRP B 250 -6.27 -17.34 -6.55
C TRP B 250 -6.63 -16.25 -5.54
N THR B 251 -5.60 -15.50 -5.13
CA THR B 251 -5.80 -14.27 -4.36
C THR B 251 -4.85 -13.25 -4.98
N VAL B 252 -5.40 -12.13 -5.46
CA VAL B 252 -4.56 -11.09 -6.09
C VAL B 252 -4.80 -9.79 -5.31
N PHE B 253 -3.76 -9.27 -4.64
CA PHE B 253 -3.92 -8.07 -3.84
C PHE B 253 -4.07 -6.86 -4.75
N ILE B 254 -4.98 -5.97 -4.38
CA ILE B 254 -5.29 -4.83 -5.23
C ILE B 254 -4.21 -3.74 -5.14
N ASP B 255 -3.67 -3.52 -3.95
CA ASP B 255 -2.66 -2.45 -3.82
C ASP B 255 -1.29 -2.99 -4.21
N PRO B 256 -0.50 -2.30 -5.08
CA PRO B 256 0.84 -2.78 -5.38
C PRO B 256 1.87 -2.44 -4.29
N VAL B 257 2.89 -3.28 -4.21
CA VAL B 257 4.14 -2.91 -3.50
C VAL B 257 5.01 -2.10 -4.48
N LEU B 258 6.08 -1.43 -3.98
CA LEU B 258 6.80 -0.44 -4.81
C LEU B 258 8.24 -0.88 -5.06
N ILE B 259 8.73 -0.63 -6.29
CA ILE B 259 10.11 -0.92 -6.67
C ILE B 259 10.62 0.24 -7.51
N THR B 260 11.92 0.21 -7.84
CA THR B 260 12.52 1.22 -8.69
C THR B 260 12.76 0.69 -10.10
N ARG B 261 13.03 1.61 -11.02
CA ARG B 261 13.44 1.30 -12.39
C ARG B 261 14.69 0.41 -12.38
N GLU B 262 15.66 0.73 -11.53
CA GLU B 262 16.86 -0.08 -11.42
C GLU B 262 16.51 -1.52 -11.03
N GLN B 263 15.50 -1.70 -10.16
CA GLN B 263 15.24 -3.03 -9.63
C GLN B 263 14.58 -3.89 -10.70
N ILE B 264 13.63 -3.32 -11.46
CA ILE B 264 12.96 -4.09 -12.52
C ILE B 264 14.01 -4.52 -13.54
N ASN B 265 14.98 -3.63 -13.81
CA ASN B 265 16.04 -3.93 -14.77
C ASN B 265 16.89 -5.12 -14.36
N LEU B 266 17.01 -5.38 -13.05
CA LEU B 266 17.72 -6.54 -12.59
C LEU B 266 17.13 -7.83 -13.17
N PHE B 267 15.79 -7.92 -13.25
CA PHE B 267 15.14 -9.09 -13.83
C PHE B 267 15.44 -9.25 -15.32
N ARG B 268 15.45 -8.13 -16.05
CA ARG B 268 15.58 -8.11 -17.50
C ARG B 268 16.96 -8.50 -18.00
N ASN B 269 17.96 -8.56 -17.10
CA ASN B 269 19.30 -8.98 -17.48
C ASN B 269 19.37 -10.51 -17.53
N LEU B 270 18.39 -11.20 -16.93
CA LEU B 270 18.45 -12.64 -16.96
C LEU B 270 18.28 -13.11 -18.40
N PRO B 271 18.99 -14.17 -18.83
CA PRO B 271 18.78 -14.75 -20.15
C PRO B 271 17.64 -15.78 -20.11
N TYR B 272 16.81 -15.76 -21.16
CA TYR B 272 15.82 -16.80 -21.40
C TYR B 272 16.49 -18.13 -21.73
N GLY B 273 15.75 -19.24 -21.50
CA GLY B 273 16.17 -20.59 -21.88
C GLY B 273 16.27 -20.73 -23.41
N SER B 274 16.89 -21.82 -23.89
CA SER B 274 17.19 -21.96 -25.32
C SER B 274 15.92 -22.17 -26.17
N ASN B 275 14.83 -22.61 -25.55
CA ASN B 275 13.57 -22.87 -26.24
C ASN B 275 12.86 -21.57 -26.63
N GLU B 276 13.38 -20.41 -26.19
CA GLU B 276 12.76 -19.12 -26.47
C GLU B 276 13.44 -18.46 -27.67
N LYS B 277 12.70 -17.59 -28.36
CA LYS B 277 13.25 -16.80 -29.44
C LYS B 277 14.01 -15.59 -28.87
N GLN B 278 13.42 -14.88 -27.91
CA GLN B 278 14.02 -13.69 -27.33
C GLN B 278 15.20 -14.11 -26.45
N THR B 279 16.26 -13.29 -26.44
CA THR B 279 17.46 -13.62 -25.69
C THR B 279 17.30 -13.29 -24.21
N ARG B 280 16.89 -12.04 -23.93
CA ARG B 280 16.78 -11.60 -22.55
C ARG B 280 15.38 -11.91 -22.03
N MET B 281 15.33 -12.41 -20.80
CA MET B 281 14.07 -12.84 -20.21
C MET B 281 13.16 -11.63 -19.99
N GLY B 282 11.92 -11.76 -20.48
CA GLY B 282 10.92 -10.70 -20.37
C GLY B 282 9.68 -11.07 -21.19
N ASP B 283 8.55 -10.43 -20.85
CA ASP B 283 7.26 -10.76 -21.43
C ASP B 283 6.94 -12.23 -21.16
N ASN B 284 7.38 -12.70 -20.00
CA ASN B 284 7.08 -14.04 -19.53
C ASN B 284 5.73 -14.03 -18.80
N PHE B 285 4.67 -13.65 -19.51
CA PHE B 285 3.32 -13.69 -19.00
C PHE B 285 2.38 -14.31 -20.03
N ARG B 286 1.30 -14.92 -19.52
CA ARG B 286 0.28 -15.53 -20.36
C ARG B 286 -0.76 -14.48 -20.72
N PRO B 287 -1.34 -14.52 -21.94
CA PRO B 287 -2.44 -13.65 -22.32
C PRO B 287 -3.65 -13.86 -21.41
N ILE B 288 -4.46 -12.81 -21.28
CA ILE B 288 -5.68 -12.79 -20.50
C ILE B 288 -6.68 -13.83 -21.01
N GLN B 289 -7.27 -14.55 -20.05
CA GLN B 289 -8.34 -15.52 -20.27
C GLN B 289 -9.67 -14.94 -19.83
N LEU B 290 -10.78 -15.46 -20.38
CA LEU B 290 -12.11 -15.02 -19.94
C LEU B 290 -12.52 -15.70 -18.63
N LEU B 291 -13.23 -14.95 -17.78
CA LEU B 291 -13.78 -15.56 -16.58
C LEU B 291 -14.73 -16.70 -16.95
N ASN B 292 -15.59 -16.46 -17.96
CA ASN B 292 -16.52 -17.53 -18.34
C ASN B 292 -16.55 -17.65 -19.85
N PRO B 293 -15.65 -18.43 -20.46
CA PRO B 293 -15.77 -18.77 -21.89
C PRO B 293 -17.16 -19.34 -22.18
N ILE B 294 -17.54 -19.30 -23.47
CA ILE B 294 -18.89 -19.62 -23.89
C ILE B 294 -19.21 -21.10 -23.64
N ASP B 295 -18.19 -21.97 -23.51
CA ASP B 295 -18.45 -23.39 -23.33
C ASP B 295 -18.51 -23.81 -21.85
N THR B 296 -18.45 -22.85 -20.91
CA THR B 296 -18.51 -23.26 -19.50
C THR B 296 -19.80 -24.00 -19.15
N LEU B 297 -19.71 -25.00 -18.26
CA LEU B 297 -20.90 -25.75 -17.86
C LEU B 297 -21.31 -25.33 -16.44
N ALA B 298 -20.50 -24.45 -15.81
CA ALA B 298 -20.93 -23.88 -14.53
C ALA B 298 -20.10 -22.61 -14.28
N SER B 299 -20.78 -21.46 -14.33
CA SER B 299 -20.05 -20.19 -14.31
C SER B 299 -19.32 -20.01 -12.99
N ARG B 300 -18.13 -19.38 -13.05
CA ARG B 300 -17.48 -18.98 -11.82
C ARG B 300 -17.71 -17.49 -11.60
N THR B 301 -17.51 -17.10 -10.33
CA THR B 301 -17.75 -15.72 -9.92
C THR B 301 -16.41 -15.14 -9.43
N LEU B 302 -16.15 -13.86 -9.75
CA LEU B 302 -14.98 -13.16 -9.22
C LEU B 302 -15.40 -12.46 -7.93
N TYR B 303 -14.70 -12.74 -6.83
CA TYR B 303 -15.03 -12.12 -5.55
C TYR B 303 -14.01 -11.02 -5.22
N ARG B 304 -14.38 -10.09 -4.34
CA ARG B 304 -13.35 -9.23 -3.76
C ARG B 304 -13.54 -9.12 -2.25
N ALA B 305 -12.43 -8.71 -1.58
CA ALA B 305 -12.42 -8.66 -0.13
C ALA B 305 -11.95 -7.26 0.27
N THR B 306 -12.40 -6.80 1.44
CA THR B 306 -11.84 -5.56 1.99
C THR B 306 -11.96 -5.60 3.51
N ALA B 307 -11.28 -4.66 4.20
CA ALA B 307 -11.14 -4.79 5.64
C ALA B 307 -12.50 -4.53 6.28
N ARG B 308 -12.69 -5.22 7.42
CA ARG B 308 -13.80 -5.00 8.32
C ARG B 308 -13.91 -3.50 8.61
N GLY B 309 -14.94 -2.87 8.02
CA GLY B 309 -15.08 -1.43 7.94
C GLY B 309 -16.53 -1.03 7.83
C1 TN8 C . -6.59 24.37 13.86
C6 TN8 C . -3.31 20.50 12.82
C5 TN8 C . -2.99 21.83 13.07
C4 TN8 C . -3.99 22.67 13.57
C3 TN8 C . -5.29 22.19 13.82
C2 TN8 C . -6.35 23.04 14.50
C8 TN8 C . -5.57 20.88 13.51
C9 TN8 C . -6.22 23.84 9.69
C10 TN8 C . -5.92 24.81 8.73
C11 TN8 C . -4.67 24.85 8.14
C12 TN8 C . -3.69 23.94 8.53
C13 TN8 C . -3.97 22.98 9.49
C14 TN8 C . -5.24 22.90 10.04
O1 TN8 C . -2.77 18.24 11.72
I TN8 C . -1.75 24.03 7.61
N2 TN8 C . -7.50 23.87 10.31
C TN8 C . -7.69 24.02 11.66
SE TN8 C . -9.30 23.80 12.56
N TN8 C . -6.60 24.29 12.40
C7 TN8 C . -4.59 20.01 13.04
S TN8 C . -2.08 19.36 12.28
N1 TN8 C . -1.25 20.09 11.08
O TN8 C . -1.17 19.15 13.35
ZN ZN D . -1.52 19.20 9.30
C1 NAG E . -26.14 9.46 12.88
C2 NAG E . -25.65 10.15 14.14
C3 NAG E . -26.92 10.77 14.75
C4 NAG E . -27.65 11.68 13.72
C5 NAG E . -27.75 11.00 12.32
C6 NAG E . -28.35 11.77 11.12
C7 NAG E . -23.80 9.47 15.65
C8 NAG E . -23.29 8.32 16.50
N2 NAG E . -24.92 9.18 14.95
O3 NAG E . -26.59 11.47 15.97
O4 NAG E . -28.92 12.08 14.27
O5 NAG E . -26.44 10.50 11.93
O6 NAG E . -27.84 13.11 11.01
O7 NAG E . -23.21 10.56 15.63
C1 NAG F . -11.42 12.80 -11.96
C2 NAG F . -12.51 12.28 -12.87
C3 NAG F . -11.85 11.25 -13.75
C4 NAG F . -10.65 11.85 -14.51
C5 NAG F . -9.63 12.63 -13.66
C6 NAG F . -8.65 13.51 -14.46
C7 NAG F . -14.50 12.61 -11.43
C8 NAG F . -14.82 13.99 -11.91
N2 NAG F . -13.63 11.82 -12.08
O3 NAG F . -12.82 10.75 -14.68
O4 NAG F . -10.00 10.85 -15.32
O5 NAG F . -10.33 13.42 -12.66
O6 NAG F . -9.27 14.31 -15.51
O7 NAG F . -15.05 12.21 -10.43
C1 GOL G . 1.96 1.31 -1.81
O1 GOL G . 2.49 1.78 -0.57
C2 GOL G . 0.50 0.97 -1.74
O2 GOL G . 0.07 0.54 -3.04
C3 GOL G . 0.11 -0.14 -0.75
O3 GOL G . 0.49 0.11 0.60
C1 TN8 H . 4.81 -26.03 -12.05
C6 TN8 H . 2.34 -21.51 -11.45
C5 TN8 H . 2.54 -22.24 -12.62
C4 TN8 H . 3.01 -23.53 -12.53
C3 TN8 H . 3.31 -24.11 -11.30
C2 TN8 H . 3.68 -25.58 -11.18
C8 TN8 H . 3.15 -23.34 -10.15
C9 TN8 H . 7.26 -22.55 -11.91
C10 TN8 H . 6.13 -21.76 -11.97
C11 TN8 H . 6.03 -20.72 -12.88
C12 TN8 H . 7.09 -20.47 -13.74
C13 TN8 H . 8.25 -21.23 -13.68
C14 TN8 H . 8.33 -22.28 -12.77
O1 TN8 H . 1.79 -19.30 -10.24
I TN8 H . 6.90 -18.97 -15.27
N2 TN8 H . 7.33 -23.61 -10.94
C TN8 H . 6.61 -24.80 -10.91
SE TN8 H . 6.30 -25.91 -9.45
N TN8 H . 5.93 -25.07 -12.02
C7 TN8 H . 2.63 -22.05 -10.21
S TN8 H . 1.60 -19.91 -11.54
N1 TN8 H . 2.39 -19.05 -12.65
O TN8 H . 0.25 -20.09 -12.00
ZN ZN I . 3.28 -17.44 -11.99
C1 NAG J . 9.39 -26.78 12.13
C2 NAG J . 8.44 -27.87 11.59
C3 NAG J . 8.87 -29.23 12.21
C4 NAG J . 10.37 -29.48 11.97
C5 NAG J . 11.24 -28.25 12.37
C6 NAG J . 12.74 -28.48 12.09
C7 NAG J . 6.08 -27.41 10.82
C8 NAG J . 4.77 -26.98 11.36
N2 NAG J . 7.03 -27.50 11.80
O3 NAG J . 8.17 -30.31 11.60
O4 NAG J . 10.77 -30.75 12.58
O5 NAG J . 10.76 -27.03 11.74
O6 NAG J . 13.09 -27.92 10.82
O7 NAG J . 6.21 -27.66 9.60
C1 NAG K . 21.24 -5.30 -5.97
C2 NAG K . 22.30 -4.45 -5.30
C3 NAG K . 23.07 -3.87 -6.46
C4 NAG K . 23.68 -4.98 -7.36
C5 NAG K . 22.58 -6.05 -7.70
C6 NAG K . 23.02 -7.32 -8.44
C7 NAG K . 21.67 -3.50 -3.09
C8 NAG K . 21.03 -2.35 -2.36
N2 NAG K . 21.64 -3.49 -4.43
O3 NAG K . 24.04 -2.97 -5.90
O4 NAG K . 24.32 -4.47 -8.55
O5 NAG K . 21.88 -6.46 -6.51
O6 NAG K . 21.83 -8.03 -8.86
O7 NAG K . 22.16 -4.42 -2.45
#